data_6I6Z
#
_entry.id   6I6Z
#
_cell.length_a   46.121
_cell.length_b   84.109
_cell.length_c   158.195
_cell.angle_alpha   90.00
_cell.angle_beta   90.00
_cell.angle_gamma   90.00
#
_symmetry.space_group_name_H-M   'P 21 21 21'
#
loop_
_entity.id
_entity.type
_entity.pdbx_description
1 polymer 'Carboxypeptidase A1'
2 non-polymer '(2S)-2-{[(S)-{(1R)-1-[(N-acetyl-L-tyrosyl)amino]ethyl}(hydroxy)phosphoryl]methyl}-4-phenylbutanoic acid'
3 non-polymer 'ZINC ION'
4 water water
#
_entity_poly.entity_id   1
_entity_poly.type   'polypeptide(L)'
_entity_poly.pdbx_seq_one_letter_code
;ARSTDTFNYATYHTLEEIYDFLDLLVAENPHLVSKIQIGNTYEGRPIYVLKFSTGGSKRPAIWIDTGIHSREWVTQASGV
WFAKKITQDYGQDAAFTAILDTLDIFLEIVTNPDGFAFTHSTNRMWRKTRSHTAGSLCIGVDPNRNWDAGFGLSGASSNP
CSETYHGKFANSEVEVKSIVDFVKDHGNIKAFISIHSYSQLLMYPYGYKTEPVPDQDELDQLSKAAVTALASLYGTKFNY
GSIIKAIYQASGSTIDWTYSQGIKYSFTFELRDTGRYGFLLPASQIIPTAKETWLALLTIMEHTLNHP
;
_entity_poly.pdbx_strand_id   A,B
#
# COMPACT_ATOMS: atom_id res chain seq x y z
N SER A 3 11.26 17.71 29.48
CA SER A 3 10.05 17.30 30.19
C SER A 3 8.92 17.14 29.19
N THR A 4 7.77 16.67 29.63
CA THR A 4 6.69 16.54 28.66
C THR A 4 6.14 17.91 28.28
N ASP A 5 6.40 18.91 29.12
CA ASP A 5 6.05 20.29 28.77
C ASP A 5 6.94 20.87 27.67
N THR A 6 8.13 20.32 27.46
CA THR A 6 9.03 20.89 26.44
C THR A 6 9.18 19.97 25.22
N PHE A 7 8.49 18.84 25.26
CA PHE A 7 8.40 17.88 24.16
C PHE A 7 7.77 18.53 22.92
N ASN A 8 8.25 18.14 21.74
CA ASN A 8 7.68 18.63 20.51
C ASN A 8 6.61 17.66 19.99
N TYR A 9 5.34 18.06 20.12
CA TYR A 9 4.22 17.19 19.72
C TYR A 9 3.89 17.26 18.24
N ALA A 10 4.54 18.19 17.53
CA ALA A 10 4.24 18.44 16.12
C ALA A 10 5.35 17.90 15.23
N THR A 11 5.95 16.80 15.67
CA THR A 11 6.96 16.17 14.86
C THR A 11 6.86 14.67 15.09
N TYR A 12 7.36 13.88 14.14
N TYR A 12 7.40 13.89 14.16
CA TYR A 12 7.35 12.43 14.32
CA TYR A 12 7.38 12.43 14.25
C TYR A 12 8.59 12.01 15.06
C TYR A 12 8.62 11.92 14.98
N HIS A 13 8.41 11.08 15.99
CA HIS A 13 9.48 10.65 16.87
C HIS A 13 9.88 9.21 16.63
N THR A 14 11.05 8.86 17.14
CA THR A 14 11.54 7.50 17.06
C THR A 14 10.99 6.66 18.19
N LEU A 15 11.18 5.34 18.12
CA LEU A 15 10.72 4.46 19.19
C LEU A 15 11.39 4.85 20.52
N GLU A 16 12.69 5.09 20.47
CA GLU A 16 13.45 5.51 21.65
C GLU A 16 12.85 6.76 22.28
N GLU A 17 12.55 7.74 21.44
CA GLU A 17 11.99 8.99 21.94
C GLU A 17 10.60 8.78 22.56
N ILE A 18 9.79 7.91 21.96
CA ILE A 18 8.45 7.70 22.49
C ILE A 18 8.55 6.93 23.82
N TYR A 19 9.45 5.96 23.87
CA TYR A 19 9.60 5.21 25.11
C TYR A 19 10.16 6.09 26.23
N ASP A 20 11.03 7.03 25.88
CA ASP A 20 11.48 8.01 26.88
C ASP A 20 10.33 8.88 27.36
N PHE A 21 9.47 9.30 26.43
CA PHE A 21 8.30 10.08 26.77
C PHE A 21 7.41 9.36 27.80
N LEU A 22 7.22 8.05 27.63
CA LEU A 22 6.39 7.30 28.56
C LEU A 22 6.90 7.47 29.98
N ASP A 23 8.20 7.32 30.13
CA ASP A 23 8.83 7.41 31.44
C ASP A 23 8.73 8.80 32.02
N LEU A 24 8.90 9.82 31.17
CA LEU A 24 8.75 11.21 31.62
C LEU A 24 7.34 11.48 32.12
N LEU A 25 6.35 11.02 31.38
CA LEU A 25 4.96 11.28 31.74
C LEU A 25 4.64 10.62 33.08
N VAL A 26 5.15 9.42 33.29
CA VAL A 26 4.92 8.73 34.55
C VAL A 26 5.61 9.46 35.70
N ALA A 27 6.85 9.89 35.48
CA ALA A 27 7.60 10.54 36.55
C ALA A 27 6.94 11.85 36.97
N GLU A 28 6.35 12.54 36.01
CA GLU A 28 5.71 13.84 36.26
C GLU A 28 4.32 13.70 36.88
N ASN A 29 3.71 12.52 36.75
CA ASN A 29 2.33 12.32 37.19
C ASN A 29 2.17 11.00 37.93
N PRO A 30 2.97 10.81 38.98
CA PRO A 30 3.11 9.48 39.59
C PRO A 30 1.82 8.94 40.22
N HIS A 31 0.88 9.81 40.59
CA HIS A 31 -0.37 9.34 41.19
C HIS A 31 -1.49 9.19 40.17
N LEU A 32 -1.18 9.43 38.89
CA LEU A 32 -2.19 9.41 37.85
C LEU A 32 -1.83 8.43 36.75
N VAL A 33 -0.54 8.35 36.43
CA VAL A 33 -0.09 7.54 35.30
C VAL A 33 0.90 6.47 35.72
N SER A 34 0.70 5.27 35.22
CA SER A 34 1.69 4.21 35.41
C SER A 34 1.96 3.51 34.09
N LYS A 35 3.07 2.79 34.04
CA LYS A 35 3.49 2.11 32.83
C LYS A 35 3.46 0.61 33.11
N ILE A 36 2.76 -0.14 32.26
CA ILE A 36 2.62 -1.58 32.42
C ILE A 36 3.27 -2.29 31.24
N GLN A 37 4.17 -3.24 31.49
CA GLN A 37 4.71 -4.02 30.39
C GLN A 37 3.82 -5.25 30.17
N ILE A 38 3.23 -5.37 28.99
CA ILE A 38 2.30 -6.47 28.75
C ILE A 38 2.92 -7.59 27.94
N GLY A 39 4.17 -7.40 27.52
CA GLY A 39 4.84 -8.44 26.76
C GLY A 39 6.17 -7.99 26.19
N ASN A 40 6.74 -8.88 25.38
CA ASN A 40 7.91 -8.56 24.58
C ASN A 40 7.62 -8.93 23.14
N THR A 41 8.11 -8.09 22.22
CA THR A 41 7.91 -8.35 20.80
C THR A 41 8.70 -9.56 20.31
N TYR A 42 8.46 -9.95 19.07
CA TYR A 42 9.21 -11.02 18.45
C TYR A 42 10.72 -10.79 18.56
N GLU A 43 11.17 -9.55 18.37
CA GLU A 43 12.59 -9.24 18.42
C GLU A 43 13.07 -8.88 19.84
N GLY A 44 12.18 -8.97 20.81
CA GLY A 44 12.56 -8.80 22.21
C GLY A 44 12.35 -7.41 22.82
N ARG A 45 11.71 -6.52 22.08
CA ARG A 45 11.43 -5.18 22.61
C ARG A 45 10.28 -5.22 23.58
N PRO A 46 10.36 -4.42 24.64
CA PRO A 46 9.21 -4.40 25.55
C PRO A 46 7.98 -3.74 24.91
N ILE A 47 6.80 -4.20 25.32
CA ILE A 47 5.52 -3.67 24.86
C ILE A 47 4.85 -3.02 26.07
N TYR A 48 4.60 -1.72 25.97
CA TYR A 48 4.14 -0.94 27.14
C TYR A 48 2.73 -0.40 26.96
N VAL A 49 1.96 -0.41 28.05
CA VAL A 49 0.66 0.26 28.07
C VAL A 49 0.68 1.30 29.19
N LEU A 50 0.21 2.51 28.91
CA LEU A 50 0.03 3.52 29.95
C LEU A 50 -1.33 3.34 30.59
N LYS A 51 -1.35 3.37 31.92
CA LYS A 51 -2.61 3.31 32.65
C LYS A 51 -2.86 4.65 33.31
N PHE A 52 -4.01 5.25 32.99
CA PHE A 52 -4.42 6.50 33.62
C PHE A 52 -5.55 6.18 34.58
N SER A 53 -5.37 6.53 35.84
CA SER A 53 -6.32 6.11 36.87
C SER A 53 -6.25 7.02 38.08
N THR A 54 -7.42 7.31 38.65
CA THR A 54 -7.47 8.12 39.87
C THR A 54 -7.77 7.28 41.11
N GLY A 55 -7.84 5.97 40.94
CA GLY A 55 -8.01 5.09 42.07
C GLY A 55 -8.80 3.84 41.73
N GLY A 56 -9.34 3.21 42.78
CA GLY A 56 -10.21 2.07 42.62
C GLY A 56 -9.46 0.78 42.37
N SER A 57 -10.23 -0.30 42.29
CA SER A 57 -9.70 -1.63 42.03
C SER A 57 -10.34 -2.20 40.77
N LYS A 58 -9.56 -2.21 39.71
CA LYS A 58 -10.00 -2.62 38.39
C LYS A 58 -11.35 -1.98 38.03
N ARG A 59 -11.34 -0.65 38.06
CA ARG A 59 -12.44 0.14 37.55
C ARG A 59 -12.76 -0.22 36.11
N PRO A 60 -14.01 0.03 35.68
CA PRO A 60 -14.32 -0.09 34.25
C PRO A 60 -13.35 0.77 33.46
N ALA A 61 -12.94 0.31 32.29
CA ALA A 61 -11.86 0.99 31.59
C ALA A 61 -12.11 1.15 30.10
N ILE A 62 -11.44 2.15 29.56
CA ILE A 62 -11.34 2.35 28.12
C ILE A 62 -9.96 1.90 27.67
N TRP A 63 -9.91 1.11 26.61
CA TRP A 63 -8.65 0.75 25.97
C TRP A 63 -8.50 1.51 24.67
N ILE A 64 -7.36 2.15 24.47
CA ILE A 64 -7.07 2.83 23.20
C ILE A 64 -5.72 2.34 22.70
N ASP A 65 -5.65 1.88 21.44
CA ASP A 65 -4.33 1.52 20.94
C ASP A 65 -4.05 2.22 19.62
N THR A 66 -2.79 2.55 19.41
CA THR A 66 -2.37 3.17 18.17
C THR A 66 -1.19 2.36 17.60
N GLY A 67 -0.94 2.54 16.30
CA GLY A 67 0.26 2.01 15.69
C GLY A 67 0.38 0.50 15.53
N ILE A 68 -0.73 -0.23 15.52
CA ILE A 68 -0.61 -1.66 15.27
C ILE A 68 -0.06 -1.93 13.87
N HIS A 69 -0.39 -1.07 12.91
CA HIS A 69 0.24 -1.07 11.60
C HIS A 69 1.30 0.03 11.61
N SER A 70 2.57 -0.37 11.56
CA SER A 70 3.62 0.55 11.98
C SER A 70 3.80 1.81 11.12
N ARG A 71 3.50 1.73 9.82
CA ARG A 71 3.66 2.88 8.92
C ARG A 71 2.64 3.99 9.16
N GLU A 72 1.66 3.74 10.01
CA GLU A 72 0.58 4.72 10.20
C GLU A 72 1.01 5.73 11.25
N TRP A 73 2.02 6.53 10.90
CA TRP A 73 2.75 7.34 11.88
C TRP A 73 1.89 8.37 12.61
N VAL A 74 0.81 8.86 11.99
CA VAL A 74 0.03 9.86 12.67
C VAL A 74 -0.69 9.23 13.87
N THR A 75 -0.85 7.90 13.87
CA THR A 75 -1.52 7.28 15.00
C THR A 75 -0.64 7.27 16.25
N GLN A 76 0.64 6.91 16.14
CA GLN A 76 1.50 6.94 17.33
C GLN A 76 1.70 8.39 17.78
N ALA A 77 1.82 9.30 16.82
CA ALA A 77 2.01 10.70 17.15
C ALA A 77 0.80 11.25 17.88
N SER A 78 -0.40 10.84 17.43
CA SER A 78 -1.63 11.23 18.12
C SER A 78 -1.69 10.61 19.50
N GLY A 79 -1.22 9.37 19.64
CA GLY A 79 -1.23 8.70 20.92
C GLY A 79 -0.39 9.45 21.96
N VAL A 80 0.80 9.89 21.56
CA VAL A 80 1.64 10.71 22.41
C VAL A 80 0.90 11.96 22.85
N TRP A 81 0.27 12.63 21.89
CA TRP A 81 -0.52 13.82 22.23
C TRP A 81 -1.68 13.50 23.20
N PHE A 82 -2.41 12.40 22.96
CA PHE A 82 -3.50 11.99 23.86
C PHE A 82 -3.00 11.84 25.29
N ALA A 83 -1.84 11.18 25.43
CA ALA A 83 -1.29 10.91 26.76
C ALA A 83 -1.04 12.22 27.49
N LYS A 84 -0.41 13.16 26.80
CA LYS A 84 -0.18 14.47 27.40
C LYS A 84 -1.49 15.19 27.71
N LYS A 85 -2.42 15.13 26.76
CA LYS A 85 -3.72 15.81 26.91
C LYS A 85 -4.44 15.33 28.16
N ILE A 86 -4.40 14.03 28.41
CA ILE A 86 -5.06 13.48 29.60
C ILE A 86 -4.49 14.13 30.86
N THR A 87 -3.17 14.25 30.94
CA THR A 87 -2.56 14.80 32.13
C THR A 87 -2.75 16.32 32.23
N GLN A 88 -2.93 16.98 31.09
CA GLN A 88 -3.19 18.42 31.09
C GLN A 88 -4.60 18.69 31.59
N ASP A 89 -5.56 17.92 31.08
CA ASP A 89 -6.97 18.22 31.35
C ASP A 89 -7.51 17.66 32.66
N TYR A 90 -6.90 16.62 33.21
CA TYR A 90 -7.42 16.07 34.45
C TYR A 90 -7.28 17.10 35.58
N GLY A 91 -8.39 17.37 36.27
CA GLY A 91 -8.40 18.37 37.33
C GLY A 91 -8.47 19.80 36.82
N GLN A 92 -8.55 19.97 35.51
CA GLN A 92 -8.69 21.31 34.92
C GLN A 92 -10.00 21.42 34.16
N ASP A 93 -10.30 20.41 33.35
CA ASP A 93 -11.52 20.34 32.59
C ASP A 93 -12.56 19.50 33.31
N ALA A 94 -13.66 20.11 33.71
CA ALA A 94 -14.67 19.43 34.53
C ALA A 94 -15.19 18.15 33.88
N ALA A 95 -15.50 18.23 32.59
CA ALA A 95 -16.08 17.10 31.86
C ALA A 95 -15.13 15.90 31.80
N PHE A 96 -13.88 16.16 31.45
CA PHE A 96 -12.95 15.05 31.38
C PHE A 96 -12.61 14.51 32.77
N THR A 97 -12.53 15.39 33.76
CA THR A 97 -12.24 14.99 35.12
C THR A 97 -13.31 14.00 35.59
N ALA A 98 -14.56 14.25 35.19
CA ALA A 98 -15.65 13.34 35.54
C ALA A 98 -15.47 11.97 34.88
N ILE A 99 -14.97 11.94 33.66
CA ILE A 99 -14.68 10.68 33.00
C ILE A 99 -13.63 9.89 33.81
N LEU A 100 -12.53 10.53 34.17
CA LEU A 100 -11.44 9.80 34.81
C LEU A 100 -11.69 9.52 36.29
N ASP A 101 -12.72 10.13 36.85
CA ASP A 101 -13.07 9.82 38.24
C ASP A 101 -13.87 8.52 38.37
N THR A 102 -14.29 7.96 37.22
CA THR A 102 -15.04 6.71 37.21
C THR A 102 -14.34 5.65 36.36
N LEU A 103 -13.79 6.07 35.22
CA LEU A 103 -13.13 5.12 34.31
C LEU A 103 -11.61 5.21 34.39
N ASP A 104 -10.95 4.09 34.15
CA ASP A 104 -9.52 4.07 33.87
C ASP A 104 -9.35 4.17 32.36
N ILE A 105 -8.22 4.71 31.92
CA ILE A 105 -7.89 4.70 30.51
C ILE A 105 -6.59 3.94 30.33
N PHE A 106 -6.58 2.98 29.41
CA PHE A 106 -5.36 2.30 29.02
C PHE A 106 -5.00 2.74 27.62
N LEU A 107 -3.76 3.17 27.45
CA LEU A 107 -3.31 3.66 26.14
C LEU A 107 -2.04 2.93 25.73
N GLU A 108 -2.12 2.21 24.61
CA GLU A 108 -0.95 1.56 24.05
C GLU A 108 -0.52 2.33 22.82
N ILE A 109 0.57 3.09 22.94
CA ILE A 109 0.94 4.04 21.91
C ILE A 109 1.66 3.36 20.76
N VAL A 110 2.56 2.42 21.07
CA VAL A 110 3.27 1.68 20.02
C VAL A 110 2.91 0.20 20.07
N THR A 111 1.87 -0.18 19.36
CA THR A 111 1.33 -1.53 19.49
C THR A 111 2.19 -2.55 18.75
N ASN A 112 3.03 -2.06 17.84
CA ASN A 112 3.90 -2.92 17.02
C ASN A 112 5.31 -2.31 17.00
N PRO A 113 6.07 -2.48 18.10
CA PRO A 113 7.37 -1.80 18.19
C PRO A 113 8.40 -2.28 17.15
N ASP A 114 8.42 -3.57 16.79
CA ASP A 114 9.40 -4.03 15.81
C ASP A 114 9.12 -3.41 14.47
N GLY A 115 7.84 -3.39 14.09
CA GLY A 115 7.49 -2.77 12.82
C GLY A 115 7.82 -1.29 12.83
N PHE A 116 7.54 -0.63 13.96
CA PHE A 116 7.79 0.81 14.05
C PHE A 116 9.26 1.11 13.90
N ALA A 117 10.10 0.36 14.61
CA ALA A 117 11.55 0.49 14.46
C ALA A 117 11.99 0.31 13.01
N PHE A 118 11.35 -0.63 12.31
CA PHE A 118 11.69 -0.92 10.93
C PHE A 118 11.30 0.22 9.98
N THR A 119 10.20 0.92 10.27
CA THR A 119 9.81 2.07 9.44
C THR A 119 10.80 3.23 9.58
N HIS A 120 11.57 3.25 10.67
CA HIS A 120 12.60 4.27 10.82
C HIS A 120 13.94 3.84 10.26
N SER A 121 14.25 2.55 10.37
CA SER A 121 15.58 2.09 9.97
C SER A 121 15.69 1.70 8.50
N THR A 122 14.61 1.19 7.93
CA THR A 122 14.72 0.44 6.70
C THR A 122 13.63 0.69 5.66
N ASN A 123 12.37 0.67 6.09
CA ASN A 123 11.26 0.73 5.15
C ASN A 123 10.10 1.49 5.77
N ARG A 124 9.96 2.75 5.38
CA ARG A 124 8.95 3.65 5.92
C ARG A 124 7.53 3.08 5.78
N MET A 125 7.33 2.18 4.81
CA MET A 125 5.99 1.66 4.55
C MET A 125 5.73 0.27 5.15
N TRP A 126 6.59 -0.14 6.09
CA TRP A 126 6.40 -1.45 6.72
C TRP A 126 5.09 -1.48 7.52
N ARG A 127 4.33 -2.57 7.39
CA ARG A 127 3.01 -2.67 7.98
C ARG A 127 2.91 -3.74 9.08
N LYS A 128 3.56 -4.86 8.82
CA LYS A 128 3.32 -6.08 9.57
C LYS A 128 4.20 -6.16 10.81
N THR A 129 4.12 -7.28 11.53
CA THR A 129 5.12 -7.58 12.54
C THR A 129 6.43 -7.94 11.85
N ARG A 130 7.41 -8.38 12.61
CA ARG A 130 8.70 -8.76 12.02
C ARG A 130 9.02 -10.24 12.32
N SER A 131 8.00 -11.05 12.55
CA SER A 131 8.25 -12.49 12.77
C SER A 131 8.69 -13.18 11.48
N HIS A 132 9.58 -14.16 11.60
CA HIS A 132 10.03 -14.90 10.41
C HIS A 132 9.11 -16.05 10.07
N THR A 133 9.03 -16.34 8.77
CA THR A 133 8.17 -17.39 8.23
C THR A 133 8.98 -18.40 7.44
N ALA A 134 9.07 -19.63 7.94
CA ALA A 134 9.86 -20.67 7.28
C ALA A 134 9.32 -21.01 5.88
N GLY A 135 10.23 -21.18 4.93
CA GLY A 135 9.85 -21.52 3.58
C GLY A 135 9.49 -20.32 2.74
N SER A 136 9.55 -19.14 3.36
CA SER A 136 9.25 -17.90 2.64
C SER A 136 10.44 -16.95 2.66
N LEU A 137 10.54 -16.11 1.65
CA LEU A 137 11.54 -15.06 1.69
C LEU A 137 10.92 -13.80 2.30
N CYS A 138 9.68 -13.94 2.73
CA CYS A 138 8.94 -12.82 3.29
C CYS A 138 8.83 -12.91 4.80
N ILE A 139 8.73 -11.74 5.42
CA ILE A 139 8.74 -11.60 6.87
C ILE A 139 7.46 -10.91 7.32
N GLY A 140 6.90 -11.34 8.45
CA GLY A 140 5.86 -10.59 9.12
C GLY A 140 4.45 -11.08 8.87
N VAL A 141 3.62 -10.86 9.89
CA VAL A 141 2.20 -11.19 9.88
C VAL A 141 1.41 -9.90 10.05
N ASP A 142 0.27 -9.79 9.38
CA ASP A 142 -0.61 -8.64 9.61
C ASP A 142 -1.26 -8.78 10.98
N PRO A 143 -0.91 -7.91 11.93
CA PRO A 143 -1.48 -8.07 13.27
C PRO A 143 -2.99 -7.85 13.26
N ASN A 144 -3.51 -7.14 12.26
CA ASN A 144 -4.94 -6.94 12.19
C ASN A 144 -5.67 -8.03 11.38
N ARG A 145 -5.01 -9.16 11.18
CA ARG A 145 -5.68 -10.35 10.63
C ARG A 145 -5.42 -11.57 11.50
N ASN A 146 -4.83 -11.35 12.68
CA ASN A 146 -4.31 -12.43 13.52
C ASN A 146 -5.21 -12.73 14.74
N TRP A 147 -6.34 -12.05 14.83
CA TRP A 147 -7.23 -12.22 15.99
C TRP A 147 -8.23 -13.39 15.80
N ASP A 148 -8.71 -13.93 16.90
CA ASP A 148 -9.55 -15.14 16.83
C ASP A 148 -11.00 -14.76 16.65
N ALA A 149 -11.30 -14.10 15.53
CA ALA A 149 -12.66 -13.78 15.15
C ALA A 149 -12.73 -13.89 13.64
N GLY A 150 -13.36 -14.96 13.16
CA GLY A 150 -13.35 -15.25 11.74
C GLY A 150 -11.95 -15.43 11.21
N PHE A 151 -11.05 -15.95 12.04
CA PHE A 151 -9.65 -16.10 11.62
C PHE A 151 -9.49 -17.00 10.40
N GLY A 152 -8.74 -16.51 9.41
CA GLY A 152 -8.41 -17.30 8.26
C GLY A 152 -9.52 -17.39 7.21
N LEU A 153 -10.62 -16.69 7.46
CA LEU A 153 -11.72 -16.65 6.50
C LEU A 153 -11.45 -15.57 5.45
N SER A 154 -12.35 -15.46 4.48
N SER A 154 -12.36 -15.45 4.47
CA SER A 154 -12.26 -14.40 3.47
CA SER A 154 -12.25 -14.41 3.46
C SER A 154 -12.05 -13.04 4.13
C SER A 154 -12.07 -13.04 4.10
N GLY A 155 -11.11 -12.27 3.59
CA GLY A 155 -10.74 -11.01 4.19
C GLY A 155 -9.33 -11.03 4.76
N ALA A 156 -8.55 -12.05 4.39
CA ALA A 156 -7.15 -12.18 4.79
C ALA A 156 -6.45 -13.11 3.82
N SER A 157 -5.13 -13.15 3.90
CA SER A 157 -4.37 -13.96 2.97
C SER A 157 -3.59 -15.05 3.68
N SER A 158 -3.45 -16.20 3.02
CA SER A 158 -2.59 -17.28 3.53
C SER A 158 -1.19 -17.21 2.93
N ASN A 159 -0.95 -16.22 2.09
CA ASN A 159 0.34 -16.03 1.43
C ASN A 159 1.24 -15.20 2.34
N PRO A 160 2.35 -15.80 2.81
CA PRO A 160 3.24 -15.09 3.74
C PRO A 160 3.77 -13.77 3.19
N CYS A 161 3.82 -13.63 1.86
CA CYS A 161 4.31 -12.39 1.26
C CYS A 161 3.28 -11.28 1.22
N SER A 162 2.04 -11.59 1.59
CA SER A 162 0.95 -10.64 1.46
C SER A 162 0.93 -9.65 2.60
N GLU A 163 0.49 -8.41 2.31
CA GLU A 163 0.28 -7.40 3.34
C GLU A 163 -0.72 -7.83 4.40
N THR A 164 -1.60 -8.76 4.02
CA THR A 164 -2.68 -9.20 4.91
C THR A 164 -2.53 -10.65 5.31
N TYR A 165 -1.30 -11.16 5.30
CA TYR A 165 -1.02 -12.52 5.79
C TYR A 165 -1.51 -12.72 7.22
N HIS A 166 -2.30 -13.77 7.44
CA HIS A 166 -2.89 -13.92 8.77
C HIS A 166 -2.02 -14.70 9.77
N GLY A 167 -0.94 -15.33 9.30
CA GLY A 167 -0.10 -16.11 10.19
C GLY A 167 -0.59 -17.55 10.32
N LYS A 168 0.12 -18.35 11.10
CA LYS A 168 -0.16 -19.79 11.22
C LYS A 168 -1.45 -20.11 11.94
N PHE A 169 -1.77 -19.34 12.97
CA PHE A 169 -2.99 -19.55 13.74
C PHE A 169 -3.30 -18.27 14.48
N ALA A 170 -4.54 -18.13 14.95
CA ALA A 170 -4.91 -16.92 15.67
C ALA A 170 -4.02 -16.76 16.90
N ASN A 171 -3.61 -15.53 17.16
CA ASN A 171 -2.78 -15.16 18.31
C ASN A 171 -1.35 -15.67 18.19
N SER A 172 -0.93 -16.08 17.00
CA SER A 172 0.45 -16.49 16.79
C SER A 172 1.42 -15.33 17.03
N GLU A 173 0.99 -14.10 16.76
CA GLU A 173 1.85 -12.95 16.99
C GLU A 173 1.81 -12.51 18.45
N VAL A 174 2.97 -12.45 19.09
CA VAL A 174 3.02 -12.09 20.50
C VAL A 174 2.49 -10.68 20.75
N GLU A 175 2.57 -9.80 19.76
CA GLU A 175 2.05 -8.45 19.90
C GLU A 175 0.53 -8.45 20.08
N VAL A 176 -0.13 -9.40 19.43
CA VAL A 176 -1.57 -9.58 19.56
C VAL A 176 -1.94 -10.34 20.85
N LYS A 177 -1.27 -11.47 21.08
CA LYS A 177 -1.59 -12.27 22.24
C LYS A 177 -1.34 -11.49 23.54
N SER A 178 -0.37 -10.58 23.53
CA SER A 178 -0.11 -9.77 24.74
C SER A 178 -1.34 -8.92 25.08
N ILE A 179 -1.97 -8.36 24.06
CA ILE A 179 -3.19 -7.58 24.28
C ILE A 179 -4.35 -8.48 24.73
N VAL A 180 -4.53 -9.59 24.03
CA VAL A 180 -5.54 -10.56 24.42
C VAL A 180 -5.43 -10.98 25.88
N ASP A 181 -4.22 -11.31 26.30
CA ASP A 181 -3.97 -11.73 27.68
C ASP A 181 -4.31 -10.63 28.66
N PHE A 182 -3.93 -9.40 28.32
CA PHE A 182 -4.19 -8.29 29.22
C PHE A 182 -5.68 -8.04 29.35
N VAL A 183 -6.38 -8.03 28.21
CA VAL A 183 -7.81 -7.75 28.22
C VAL A 183 -8.58 -8.81 29.00
N LYS A 184 -8.24 -10.08 28.79
CA LYS A 184 -8.93 -11.16 29.51
C LYS A 184 -8.62 -11.16 31.00
N ASP A 185 -7.37 -10.90 31.37
CA ASP A 185 -7.00 -10.83 32.78
C ASP A 185 -7.67 -9.65 33.47
N HIS A 186 -7.80 -8.55 32.75
CA HIS A 186 -8.39 -7.35 33.33
C HIS A 186 -9.85 -7.61 33.64
N GLY A 187 -10.60 -7.96 32.62
CA GLY A 187 -11.97 -8.40 32.78
C GLY A 187 -12.99 -7.31 32.90
N ASN A 188 -12.57 -6.05 32.82
CA ASN A 188 -13.53 -4.97 32.98
C ASN A 188 -13.27 -3.84 31.98
N ILE A 189 -12.86 -4.22 30.78
N ILE A 189 -12.87 -4.20 30.78
CA ILE A 189 -12.73 -3.30 29.66
CA ILE A 189 -12.73 -3.22 29.72
C ILE A 189 -14.12 -3.03 29.08
C ILE A 189 -14.09 -3.01 29.06
N LYS A 190 -14.56 -1.76 29.06
CA LYS A 190 -15.91 -1.45 28.59
C LYS A 190 -15.93 -0.92 27.17
N ALA A 191 -14.81 -0.34 26.74
CA ALA A 191 -14.70 0.18 25.38
C ALA A 191 -13.29 -0.13 24.91
N PHE A 192 -13.18 -0.41 23.61
CA PHE A 192 -11.90 -0.78 23.04
C PHE A 192 -11.84 -0.04 21.72
N ILE A 193 -10.83 0.81 21.56
CA ILE A 193 -10.75 1.67 20.40
C ILE A 193 -9.41 1.48 19.73
N SER A 194 -9.42 1.00 18.50
CA SER A 194 -8.19 0.75 17.76
C SER A 194 -8.00 1.87 16.75
N ILE A 195 -6.85 2.54 16.77
CA ILE A 195 -6.69 3.72 15.95
C ILE A 195 -5.68 3.47 14.84
N HIS A 196 -6.13 3.71 13.61
CA HIS A 196 -5.36 3.49 12.38
C HIS A 196 -5.38 4.74 11.54
N SER A 197 -4.61 4.76 10.46
CA SER A 197 -4.80 5.76 9.39
C SER A 197 -4.55 5.02 8.07
N TYR A 198 -4.99 5.52 6.91
CA TYR A 198 -5.80 6.72 6.72
C TYR A 198 -7.13 6.31 6.10
N SER A 199 -8.10 7.22 6.07
CA SER A 199 -9.36 7.13 5.27
C SER A 199 -10.48 8.01 5.84
N GLN A 200 -10.31 8.51 7.06
CA GLN A 200 -11.33 9.35 7.75
C GLN A 200 -12.65 8.60 7.92
N LEU A 201 -12.58 7.57 8.77
CA LEU A 201 -13.67 6.64 9.04
C LEU A 201 -13.74 6.33 10.52
N LEU A 202 -14.96 6.13 11.01
CA LEU A 202 -15.13 5.60 12.36
C LEU A 202 -15.99 4.37 12.18
N MET A 203 -15.49 3.19 12.56
CA MET A 203 -16.21 1.97 12.23
C MET A 203 -16.43 1.07 13.44
N TYR A 204 -17.46 0.24 13.34
CA TYR A 204 -17.79 -0.73 14.37
C TYR A 204 -17.86 -2.11 13.71
N PRO A 205 -18.03 -3.19 14.49
CA PRO A 205 -18.01 -4.51 13.85
C PRO A 205 -19.27 -4.77 12.99
N TYR A 206 -19.27 -5.77 12.12
CA TYR A 206 -18.14 -6.67 11.87
C TYR A 206 -17.33 -6.30 10.64
N GLY A 207 -16.07 -6.70 10.64
CA GLY A 207 -15.27 -6.70 9.44
C GLY A 207 -15.39 -8.01 8.68
N TYR A 208 -15.60 -9.13 9.36
CA TYR A 208 -15.46 -10.40 8.64
C TYR A 208 -16.75 -10.91 8.00
N LYS A 209 -17.88 -10.33 8.38
CA LYS A 209 -19.14 -10.76 7.78
C LYS A 209 -20.16 -9.62 7.74
N THR A 210 -21.18 -9.78 6.91
CA THR A 210 -22.15 -8.73 6.65
C THR A 210 -23.28 -8.64 7.69
N GLU A 211 -23.47 -9.70 8.46
CA GLU A 211 -24.44 -9.72 9.54
C GLU A 211 -24.24 -8.55 10.51
N PRO A 212 -25.30 -7.77 10.77
CA PRO A 212 -25.11 -6.66 11.72
C PRO A 212 -24.94 -7.17 13.15
N VAL A 213 -24.16 -6.44 13.95
CA VAL A 213 -24.08 -6.74 15.38
C VAL A 213 -25.42 -6.41 16.02
N PRO A 214 -25.76 -7.09 17.12
CA PRO A 214 -27.01 -6.82 17.83
C PRO A 214 -27.12 -5.39 18.35
N ASP A 215 -25.98 -4.75 18.56
CA ASP A 215 -25.95 -3.41 19.13
C ASP A 215 -25.80 -2.35 18.05
N GLN A 216 -26.11 -2.70 16.81
CA GLN A 216 -25.79 -1.79 15.71
C GLN A 216 -26.45 -0.43 15.83
N ASP A 217 -27.72 -0.37 16.21
CA ASP A 217 -28.37 0.95 16.34
C ASP A 217 -27.64 1.85 17.34
N GLU A 218 -27.24 1.32 18.49
CA GLU A 218 -26.53 2.12 19.47
C GLU A 218 -25.15 2.55 18.97
N LEU A 219 -24.41 1.61 18.40
CA LEU A 219 -23.07 1.91 17.92
C LEU A 219 -23.11 2.91 16.76
N ASP A 220 -24.13 2.79 15.91
CA ASP A 220 -24.24 3.67 14.76
C ASP A 220 -24.55 5.12 15.19
N GLN A 221 -25.48 5.26 16.13
CA GLN A 221 -25.83 6.57 16.64
C GLN A 221 -24.68 7.20 17.44
N LEU A 222 -23.93 6.38 18.17
CA LEU A 222 -22.78 6.90 18.88
C LEU A 222 -21.71 7.32 17.85
N SER A 223 -21.58 6.55 16.77
CA SER A 223 -20.63 6.90 15.70
C SER A 223 -20.96 8.25 15.09
N LYS A 224 -22.24 8.49 14.82
CA LYS A 224 -22.68 9.77 14.30
C LYS A 224 -22.34 10.91 15.26
N ALA A 225 -22.62 10.71 16.54
CA ALA A 225 -22.29 11.73 17.55
C ALA A 225 -20.80 12.03 17.58
N ALA A 226 -20.01 10.98 17.52
CA ALA A 226 -18.56 11.11 17.58
C ALA A 226 -18.00 11.84 16.37
N VAL A 227 -18.45 11.50 15.17
CA VAL A 227 -17.88 12.18 13.99
C VAL A 227 -18.40 13.61 13.90
N THR A 228 -19.55 13.88 14.52
CA THR A 228 -20.08 15.24 14.52
C THR A 228 -19.18 16.09 15.40
N ALA A 229 -18.81 15.52 16.54
CA ALA A 229 -17.89 16.19 17.47
C ALA A 229 -16.56 16.45 16.80
N LEU A 230 -16.04 15.45 16.10
CA LEU A 230 -14.75 15.58 15.42
C LEU A 230 -14.81 16.72 14.41
N ALA A 231 -15.89 16.78 13.64
CA ALA A 231 -16.02 17.77 12.58
C ALA A 231 -16.15 19.19 13.14
N SER A 232 -16.52 19.31 14.41
CA SER A 232 -16.85 20.61 14.98
C SER A 232 -15.64 21.55 15.03
N LEU A 233 -14.44 20.98 14.94
CA LEU A 233 -13.23 21.76 15.16
C LEU A 233 -12.66 22.35 13.86
N TYR A 234 -12.45 21.51 12.85
CA TYR A 234 -11.89 21.99 11.58
C TYR A 234 -12.77 21.66 10.38
N GLY A 235 -13.89 20.98 10.62
CA GLY A 235 -14.77 20.60 9.53
C GLY A 235 -14.37 19.31 8.84
N THR A 236 -13.42 18.60 9.45
CA THR A 236 -12.96 17.33 8.87
C THR A 236 -14.12 16.34 8.82
N LYS A 237 -14.35 15.77 7.64
CA LYS A 237 -15.48 14.89 7.40
C LYS A 237 -15.11 13.42 7.51
N PHE A 238 -15.70 12.73 8.48
CA PHE A 238 -15.57 11.28 8.61
C PHE A 238 -16.86 10.58 8.21
N ASN A 239 -16.72 9.43 7.57
CA ASN A 239 -17.86 8.56 7.37
C ASN A 239 -17.86 7.49 8.44
N TYR A 240 -18.97 6.78 8.60
CA TYR A 240 -19.02 5.74 9.63
C TYR A 240 -19.92 4.59 9.21
N GLY A 241 -19.76 3.46 9.87
CA GLY A 241 -20.54 2.27 9.57
C GLY A 241 -19.78 1.05 10.02
N SER A 242 -20.30 -0.14 9.72
CA SER A 242 -19.57 -1.36 10.03
C SER A 242 -18.32 -1.41 9.15
N ILE A 243 -17.31 -2.13 9.61
CA ILE A 243 -16.08 -2.26 8.85
C ILE A 243 -16.36 -2.77 7.44
N ILE A 244 -17.12 -3.85 7.34
CA ILE A 244 -17.34 -4.50 6.06
C ILE A 244 -18.12 -3.59 5.08
N LYS A 245 -19.00 -2.76 5.61
CA LYS A 245 -19.74 -1.82 4.73
C LYS A 245 -18.95 -0.54 4.44
N ALA A 246 -18.17 -0.08 5.40
CA ALA A 246 -17.53 1.24 5.25
C ALA A 246 -16.17 1.18 4.58
N ILE A 247 -15.46 0.05 4.64
CA ILE A 247 -14.19 -0.03 3.94
C ILE A 247 -14.09 -1.31 3.09
N TYR A 248 -13.97 -2.47 3.71
CA TYR A 248 -14.00 -3.74 3.01
C TYR A 248 -14.01 -4.88 4.02
N GLN A 249 -14.14 -6.10 3.54
N GLN A 249 -14.15 -6.11 3.54
CA GLN A 249 -14.12 -7.26 4.41
CA GLN A 249 -14.12 -7.26 4.43
C GLN A 249 -12.72 -7.52 4.95
C GLN A 249 -12.72 -7.50 4.95
N ALA A 250 -12.62 -7.75 6.26
CA ALA A 250 -11.33 -8.04 6.89
C ALA A 250 -11.58 -9.07 7.96
N SER A 251 -10.91 -10.20 7.86
CA SER A 251 -11.13 -11.28 8.81
C SER A 251 -10.00 -11.37 9.84
N GLY A 252 -10.29 -11.89 11.02
CA GLY A 252 -9.32 -11.92 12.10
C GLY A 252 -8.87 -10.54 12.58
N SER A 253 -9.75 -9.55 12.50
CA SER A 253 -9.37 -8.20 12.88
C SER A 253 -9.78 -7.88 14.32
N THR A 254 -9.22 -6.80 14.84
CA THR A 254 -9.21 -6.56 16.29
C THR A 254 -10.58 -6.40 16.95
N ILE A 255 -11.42 -5.53 16.42
CA ILE A 255 -12.63 -5.23 17.16
C ILE A 255 -13.73 -6.27 16.95
N ASP A 256 -13.59 -7.11 15.92
CA ASP A 256 -14.49 -8.27 15.83
C ASP A 256 -14.24 -9.18 17.01
N TRP A 257 -12.97 -9.33 17.38
CA TRP A 257 -12.63 -10.16 18.52
C TRP A 257 -13.08 -9.51 19.84
N THR A 258 -12.78 -8.23 20.02
CA THR A 258 -13.14 -7.58 21.27
C THR A 258 -14.65 -7.55 21.46
N TYR A 259 -15.38 -7.31 20.36
CA TYR A 259 -16.84 -7.28 20.48
C TYR A 259 -17.33 -8.66 20.88
N SER A 260 -16.69 -9.70 20.36
CA SER A 260 -17.12 -11.08 20.63
C SER A 260 -16.87 -11.46 22.10
N GLN A 261 -16.01 -10.71 22.77
CA GLN A 261 -15.69 -10.96 24.17
C GLN A 261 -16.62 -10.16 25.07
N GLY A 262 -17.58 -9.47 24.48
CA GLY A 262 -18.55 -8.70 25.23
C GLY A 262 -18.22 -7.23 25.42
N ILE A 263 -17.16 -6.75 24.77
CA ILE A 263 -16.85 -5.33 24.84
C ILE A 263 -17.72 -4.61 23.81
N LYS A 264 -18.83 -4.06 24.31
CA LYS A 264 -19.84 -3.52 23.41
C LYS A 264 -19.31 -2.36 22.59
N TYR A 265 -18.57 -1.47 23.24
CA TYR A 265 -18.17 -0.24 22.59
C TYR A 265 -16.82 -0.47 21.95
N SER A 266 -16.84 -1.29 20.90
CA SER A 266 -15.62 -1.62 20.15
C SER A 266 -15.63 -0.86 18.84
N PHE A 267 -14.64 0.01 18.67
CA PHE A 267 -14.59 0.91 17.52
C PHE A 267 -13.21 0.97 16.93
N THR A 268 -13.13 1.31 15.65
CA THR A 268 -11.84 1.64 15.09
C THR A 268 -11.92 2.96 14.33
N PHE A 269 -10.89 3.77 14.48
CA PHE A 269 -10.77 5.01 13.73
C PHE A 269 -9.78 4.82 12.59
N GLU A 270 -10.09 5.41 11.43
CA GLU A 270 -9.09 5.66 10.40
C GLU A 270 -8.93 7.16 10.31
N LEU A 271 -7.78 7.67 10.74
CA LEU A 271 -7.59 9.13 10.81
C LEU A 271 -7.26 9.76 9.44
N ARG A 272 -6.89 11.03 9.46
CA ARG A 272 -6.53 11.75 8.24
C ARG A 272 -5.41 11.06 7.46
N ASP A 273 -5.34 11.26 6.14
CA ASP A 273 -6.34 12.00 5.35
C ASP A 273 -7.14 11.04 4.51
N THR A 274 -7.51 11.41 3.28
CA THR A 274 -8.24 10.46 2.44
C THR A 274 -7.40 9.95 1.26
N GLY A 275 -6.13 10.33 1.24
CA GLY A 275 -5.24 9.78 0.24
C GLY A 275 -4.20 10.73 -0.34
N ARG A 276 -4.39 12.04 -0.18
CA ARG A 276 -3.44 13.00 -0.73
C ARG A 276 -2.02 12.71 -0.27
N TYR A 277 -1.87 12.54 1.05
CA TYR A 277 -0.58 12.18 1.64
C TYR A 277 -0.60 10.75 2.13
N GLY A 278 -1.79 10.22 2.34
CA GLY A 278 -1.97 8.85 2.81
C GLY A 278 -1.27 8.63 4.14
N PHE A 279 -0.34 7.67 4.21
CA PHE A 279 0.41 7.44 5.44
C PHE A 279 1.48 8.50 5.71
N LEU A 280 1.79 9.29 4.68
CA LEU A 280 2.87 10.26 4.75
C LEU A 280 2.35 11.64 5.17
N LEU A 281 1.40 11.63 6.09
CA LEU A 281 0.77 12.88 6.53
C LEU A 281 1.81 13.84 7.11
N PRO A 282 1.83 15.09 6.65
CA PRO A 282 2.82 16.04 7.13
C PRO A 282 2.72 16.25 8.66
N ALA A 283 3.86 16.49 9.28
CA ALA A 283 3.91 16.73 10.72
C ALA A 283 3.00 17.88 11.15
N SER A 284 2.79 18.85 10.26
CA SER A 284 1.93 19.99 10.54
C SER A 284 0.46 19.60 10.78
N GLN A 285 0.09 18.38 10.39
CA GLN A 285 -1.26 17.90 10.64
C GLN A 285 -1.37 16.96 11.85
N ILE A 286 -0.25 16.70 12.54
CA ILE A 286 -0.35 15.82 13.72
C ILE A 286 -1.29 16.37 14.79
N ILE A 287 -1.05 17.60 15.21
CA ILE A 287 -1.84 18.12 16.33
C ILE A 287 -3.32 18.38 15.94
N PRO A 288 -3.57 18.95 14.74
CA PRO A 288 -4.99 19.06 14.37
C PRO A 288 -5.68 17.70 14.32
N THR A 289 -4.98 16.69 13.81
CA THR A 289 -5.56 15.34 13.75
C THR A 289 -5.87 14.83 15.16
N ALA A 290 -4.92 15.02 16.07
CA ALA A 290 -5.07 14.53 17.43
C ALA A 290 -6.21 15.26 18.14
N LYS A 291 -6.28 16.57 17.94
CA LYS A 291 -7.29 17.39 18.61
C LYS A 291 -8.71 17.00 18.22
N GLU A 292 -8.93 16.84 16.91
CA GLU A 292 -10.28 16.55 16.45
C GLU A 292 -10.64 15.12 16.87
N THR A 293 -9.68 14.20 16.80
CA THR A 293 -9.94 12.81 17.19
C THR A 293 -10.25 12.72 18.67
N TRP A 294 -9.57 13.54 19.47
CA TRP A 294 -9.85 13.61 20.89
C TRP A 294 -11.31 13.95 21.18
N LEU A 295 -11.89 14.84 20.39
CA LEU A 295 -13.29 15.20 20.59
C LEU A 295 -14.16 13.97 20.37
N ALA A 296 -13.81 13.15 19.38
CA ALA A 296 -14.59 11.94 19.13
C ALA A 296 -14.41 10.93 20.25
N LEU A 297 -13.18 10.80 20.72
CA LEU A 297 -12.90 9.89 21.81
C LEU A 297 -13.66 10.28 23.06
N LEU A 298 -13.71 11.57 23.37
CA LEU A 298 -14.48 12.06 24.53
C LEU A 298 -15.94 11.66 24.43
N THR A 299 -16.49 11.75 23.21
CA THR A 299 -17.86 11.37 22.97
C THR A 299 -18.12 9.90 23.30
N ILE A 300 -17.22 9.03 22.85
CA ILE A 300 -17.33 7.59 23.15
C ILE A 300 -17.12 7.31 24.65
N MET A 301 -16.16 7.97 25.27
CA MET A 301 -15.90 7.74 26.69
C MET A 301 -17.06 8.20 27.57
N GLU A 302 -17.66 9.33 27.22
CA GLU A 302 -18.79 9.80 28.02
C GLU A 302 -20.00 8.87 27.88
N HIS A 303 -20.22 8.33 26.68
CA HIS A 303 -21.28 7.37 26.50
C HIS A 303 -21.01 6.11 27.31
N THR A 304 -19.76 5.64 27.26
CA THR A 304 -19.36 4.46 28.02
C THR A 304 -19.59 4.68 29.52
N LEU A 305 -19.18 5.85 29.99
CA LEU A 305 -19.36 6.26 31.37
C LEU A 305 -20.81 6.11 31.83
N ASN A 306 -21.71 6.58 30.98
CA ASN A 306 -23.12 6.71 31.34
C ASN A 306 -23.99 5.49 31.02
N HIS A 307 -23.42 4.47 30.38
CA HIS A 307 -24.15 3.27 30.01
C HIS A 307 -23.41 1.98 30.36
N PRO A 308 -23.53 1.53 31.62
CA PRO A 308 -22.83 0.34 32.13
C PRO A 308 -22.99 -0.91 31.26
N ARG B 2 24.56 17.49 -21.66
CA ARG B 2 25.21 16.28 -21.20
C ARG B 2 25.35 15.27 -22.33
N SER B 3 25.31 13.99 -21.97
CA SER B 3 25.14 12.93 -22.94
C SER B 3 24.54 11.76 -22.18
N THR B 4 24.01 10.78 -22.89
CA THR B 4 23.49 9.62 -22.20
C THR B 4 24.63 8.75 -21.70
N ASP B 5 25.85 9.00 -22.17
CA ASP B 5 26.99 8.25 -21.64
C ASP B 5 27.39 8.72 -20.23
N THR B 6 27.01 9.94 -19.85
CA THR B 6 27.36 10.47 -18.53
C THR B 6 26.14 10.56 -17.61
N PHE B 7 24.99 10.14 -18.12
CA PHE B 7 23.75 10.08 -17.33
C PHE B 7 23.95 9.08 -16.21
N ASN B 8 23.40 9.37 -15.04
CA ASN B 8 23.59 8.50 -13.88
C ASN B 8 22.45 7.50 -13.79
N TYR B 9 22.69 6.28 -14.26
CA TYR B 9 21.64 5.25 -14.33
C TYR B 9 21.40 4.61 -12.98
N ALA B 10 22.28 4.91 -12.03
CA ALA B 10 22.21 4.28 -10.70
C ALA B 10 21.58 5.21 -9.68
N THR B 11 20.77 6.16 -10.15
CA THR B 11 20.04 7.03 -9.25
C THR B 11 18.63 7.20 -9.80
N TYR B 12 17.71 7.61 -8.95
CA TYR B 12 16.33 7.87 -9.36
C TYR B 12 16.21 9.30 -9.86
N HIS B 13 15.36 9.48 -10.86
CA HIS B 13 15.24 10.77 -11.51
C HIS B 13 13.83 11.31 -11.48
N THR B 14 13.73 12.60 -11.73
CA THR B 14 12.44 13.29 -11.81
C THR B 14 11.85 13.13 -13.22
N LEU B 15 10.59 13.51 -13.37
CA LEU B 15 9.95 13.45 -14.67
C LEU B 15 10.69 14.29 -15.69
N GLU B 16 11.07 15.51 -15.32
CA GLU B 16 11.80 16.39 -16.24
C GLU B 16 13.11 15.74 -16.68
N GLU B 17 13.80 15.10 -15.74
CA GLU B 17 15.09 14.50 -16.05
C GLU B 17 14.92 13.33 -17.00
N ILE B 18 13.85 12.56 -16.82
CA ILE B 18 13.62 11.44 -17.71
C ILE B 18 13.22 11.95 -19.10
N TYR B 19 12.37 12.96 -19.13
CA TYR B 19 11.95 13.51 -20.41
C TYR B 19 13.13 14.11 -21.16
N ASP B 20 14.04 14.77 -20.45
CA ASP B 20 15.26 15.27 -21.08
C ASP B 20 16.10 14.11 -21.63
N PHE B 21 16.20 13.02 -20.87
CA PHE B 21 16.93 11.83 -21.33
C PHE B 21 16.36 11.30 -22.65
N LEU B 22 15.03 11.27 -22.77
CA LEU B 22 14.41 10.81 -24.01
C LEU B 22 14.91 11.63 -25.19
N ASP B 23 14.90 12.96 -25.03
CA ASP B 23 15.37 13.83 -26.11
C ASP B 23 16.83 13.62 -26.44
N LEU B 24 17.67 13.45 -25.41
CA LEU B 24 19.10 13.28 -25.66
C LEU B 24 19.36 11.95 -26.35
N LEU B 25 18.65 10.90 -25.93
CA LEU B 25 18.83 9.59 -26.55
C LEU B 25 18.47 9.63 -28.02
N VAL B 26 17.39 10.32 -28.34
CA VAL B 26 16.95 10.40 -29.73
C VAL B 26 17.93 11.24 -30.53
N ALA B 27 18.41 12.33 -29.94
CA ALA B 27 19.36 13.21 -30.65
C ALA B 27 20.67 12.48 -30.97
N GLU B 28 21.08 11.59 -30.07
CA GLU B 28 22.30 10.82 -30.25
C GLU B 28 22.11 9.64 -31.22
N ASN B 29 20.87 9.20 -31.39
CA ASN B 29 20.60 7.99 -32.16
C ASN B 29 19.42 8.14 -33.12
N PRO B 30 19.43 9.20 -33.94
CA PRO B 30 18.18 9.52 -34.66
C PRO B 30 17.81 8.59 -35.81
N HIS B 31 18.71 7.73 -36.28
CA HIS B 31 18.34 6.74 -37.29
C HIS B 31 17.96 5.41 -36.67
N LEU B 32 17.92 5.35 -35.34
CA LEU B 32 17.52 4.14 -34.65
C LEU B 32 16.31 4.39 -33.75
N VAL B 33 16.27 5.57 -33.13
CA VAL B 33 15.26 5.86 -32.11
C VAL B 33 14.46 7.10 -32.47
N SER B 34 13.14 7.02 -32.30
CA SER B 34 12.31 8.21 -32.43
C SER B 34 11.40 8.31 -31.21
N LYS B 35 10.87 9.51 -30.98
CA LYS B 35 9.99 9.77 -29.85
C LYS B 35 8.61 10.09 -30.40
N ILE B 36 7.62 9.29 -30.01
CA ILE B 36 6.25 9.45 -30.47
C ILE B 36 5.39 9.96 -29.33
N GLN B 37 4.58 10.99 -29.58
CA GLN B 37 3.62 11.42 -28.57
C GLN B 37 2.29 10.69 -28.81
N ILE B 38 1.82 9.89 -27.85
CA ILE B 38 0.60 9.11 -28.08
C ILE B 38 -0.60 9.72 -27.39
N GLY B 39 -0.36 10.79 -26.63
CA GLY B 39 -1.47 11.47 -25.97
C GLY B 39 -0.99 12.53 -25.01
N ASN B 40 -1.94 13.10 -24.28
CA ASN B 40 -1.61 13.96 -23.16
C ASN B 40 -2.34 13.41 -21.95
N THR B 41 -1.75 13.60 -20.78
CA THR B 41 -2.33 13.12 -19.54
C THR B 41 -3.53 13.95 -19.12
N TYR B 42 -4.17 13.52 -18.03
CA TYR B 42 -5.27 14.28 -17.46
C TYR B 42 -4.86 15.73 -17.19
N GLU B 43 -3.64 15.92 -16.73
CA GLU B 43 -3.17 17.27 -16.40
C GLU B 43 -2.42 17.95 -17.57
N GLY B 44 -2.48 17.34 -18.74
CA GLY B 44 -1.98 17.97 -19.96
C GLY B 44 -0.53 17.72 -20.32
N ARG B 45 0.12 16.80 -19.61
CA ARG B 45 1.51 16.47 -19.90
C ARG B 45 1.57 15.52 -21.09
N PRO B 46 2.58 15.71 -21.96
CA PRO B 46 2.70 14.75 -23.07
C PRO B 46 3.04 13.35 -22.58
N ILE B 47 2.52 12.35 -23.29
CA ILE B 47 2.80 10.96 -23.04
C ILE B 47 3.70 10.50 -24.18
N TYR B 48 4.91 10.03 -23.85
CA TYR B 48 5.89 9.70 -24.88
C TYR B 48 6.25 8.22 -24.93
N VAL B 49 6.36 7.70 -26.14
CA VAL B 49 6.85 6.35 -26.37
C VAL B 49 8.10 6.44 -27.24
N LEU B 50 9.14 5.69 -26.89
CA LEU B 50 10.29 5.56 -27.79
C LEU B 50 10.06 4.42 -28.77
N LYS B 51 10.36 4.67 -30.03
CA LYS B 51 10.29 3.64 -31.04
C LYS B 51 11.70 3.33 -31.51
N PHE B 52 12.11 2.07 -31.33
CA PHE B 52 13.40 1.61 -31.80
C PHE B 52 13.17 0.78 -33.03
N SER B 53 13.82 1.11 -34.15
CA SER B 53 13.48 0.47 -35.41
C SER B 53 14.64 0.55 -36.40
N THR B 54 14.79 -0.49 -37.22
CA THR B 54 15.83 -0.50 -38.24
C THR B 54 15.23 -0.36 -39.64
N GLY B 55 13.93 -0.13 -39.70
CA GLY B 55 13.28 0.15 -40.98
C GLY B 55 11.85 -0.35 -41.08
N GLY B 56 11.33 -0.37 -42.30
CA GLY B 56 10.03 -0.94 -42.58
C GLY B 56 8.84 -0.05 -42.26
N SER B 57 7.65 -0.57 -42.54
CA SER B 57 6.41 0.11 -42.20
C SER B 57 5.57 -0.78 -41.30
N LYS B 58 5.41 -0.35 -40.05
CA LYS B 58 4.74 -1.11 -38.99
C LYS B 58 5.09 -2.60 -39.02
N ARG B 59 6.37 -2.83 -38.83
CA ARG B 59 6.90 -4.15 -38.58
C ARG B 59 6.23 -4.75 -37.37
N PRO B 60 6.22 -6.08 -37.27
CA PRO B 60 5.85 -6.72 -35.99
C PRO B 60 6.64 -6.09 -34.85
N ALA B 61 6.01 -5.90 -33.70
CA ALA B 61 6.63 -5.08 -32.68
C ALA B 61 6.45 -5.66 -31.30
N ILE B 62 7.40 -5.29 -30.45
CA ILE B 62 7.38 -5.57 -29.03
C ILE B 62 7.01 -4.27 -28.33
N TRP B 63 6.02 -4.33 -27.43
CA TRP B 63 5.69 -3.19 -26.58
C TRP B 63 6.17 -3.46 -25.16
N ILE B 64 6.90 -2.53 -24.57
CA ILE B 64 7.31 -2.64 -23.17
C ILE B 64 6.91 -1.35 -22.46
N ASP B 65 6.19 -1.43 -21.34
CA ASP B 65 5.88 -0.22 -20.61
C ASP B 65 6.28 -0.34 -19.15
N THR B 66 6.69 0.78 -18.56
CA THR B 66 7.07 0.82 -17.16
C THR B 66 6.31 1.97 -16.50
N GLY B 67 6.20 1.92 -15.17
CA GLY B 67 5.67 3.02 -14.40
C GLY B 67 4.18 3.31 -14.50
N ILE B 68 3.36 2.34 -14.89
CA ILE B 68 1.94 2.67 -14.93
C ILE B 68 1.41 2.92 -13.51
N HIS B 69 2.00 2.27 -12.53
CA HIS B 69 1.77 2.60 -11.12
C HIS B 69 2.95 3.48 -10.67
N SER B 70 2.67 4.74 -10.40
CA SER B 70 3.74 5.73 -10.36
C SER B 70 4.78 5.52 -9.26
N ARG B 71 4.37 4.96 -8.12
CA ARG B 71 5.30 4.74 -7.01
C ARG B 71 6.31 3.62 -7.23
N GLU B 72 6.14 2.86 -8.30
CA GLU B 72 7.03 1.73 -8.55
C GLU B 72 8.30 2.20 -9.25
N TRP B 73 9.11 2.96 -8.51
CA TRP B 73 10.19 3.75 -9.12
C TRP B 73 11.27 2.92 -9.81
N VAL B 74 11.49 1.69 -9.36
CA VAL B 74 12.55 0.92 -10.01
C VAL B 74 12.14 0.59 -11.45
N THR B 75 10.85 0.65 -11.76
CA THR B 75 10.45 0.31 -13.12
C THR B 75 10.82 1.43 -14.10
N GLN B 76 10.57 2.69 -13.74
CA GLN B 76 10.94 3.78 -14.64
C GLN B 76 12.46 3.84 -14.77
N ALA B 77 13.15 3.61 -13.66
CA ALA B 77 14.62 3.63 -13.67
C ALA B 77 15.16 2.51 -14.56
N SER B 78 14.54 1.34 -14.50
CA SER B 78 14.95 0.25 -15.37
C SER B 78 14.63 0.58 -16.81
N GLY B 79 13.49 1.23 -17.05
CA GLY B 79 13.13 1.64 -18.40
C GLY B 79 14.15 2.54 -19.07
N VAL B 80 14.65 3.52 -18.32
CA VAL B 80 15.72 4.38 -18.81
C VAL B 80 16.96 3.55 -19.16
N TRP B 81 17.30 2.63 -18.27
CA TRP B 81 18.45 1.77 -18.52
C TRP B 81 18.24 0.92 -19.78
N PHE B 82 17.04 0.33 -19.94
CA PHE B 82 16.72 -0.47 -21.14
C PHE B 82 16.92 0.34 -22.41
N ALA B 83 16.46 1.59 -22.37
CA ALA B 83 16.52 2.43 -23.56
C ALA B 83 17.97 2.64 -24.00
N LYS B 84 18.83 2.92 -23.04
CA LYS B 84 20.23 3.10 -23.35
C LYS B 84 20.87 1.78 -23.82
N LYS B 85 20.48 0.70 -23.15
CA LYS B 85 21.02 -0.63 -23.46
C LYS B 85 20.71 -1.01 -24.91
N ILE B 86 19.51 -0.71 -25.37
CA ILE B 86 19.14 -1.02 -26.75
C ILE B 86 20.09 -0.31 -27.73
N THR B 87 20.39 0.95 -27.47
CA THR B 87 21.24 1.72 -28.40
C THR B 87 22.68 1.27 -28.32
N GLN B 88 23.07 0.71 -27.18
CA GLN B 88 24.42 0.19 -27.03
C GLN B 88 24.57 -1.12 -27.77
N ASP B 89 23.57 -1.99 -27.63
CA ASP B 89 23.74 -3.35 -28.13
C ASP B 89 23.38 -3.53 -29.59
N TYR B 90 22.57 -2.64 -30.16
CA TYR B 90 22.25 -2.82 -31.57
C TYR B 90 23.51 -2.59 -32.42
N GLY B 91 23.86 -3.61 -33.20
CA GLY B 91 25.02 -3.54 -34.07
C GLY B 91 26.29 -4.04 -33.42
N GLN B 92 26.17 -4.41 -32.15
CA GLN B 92 27.30 -4.88 -31.34
C GLN B 92 27.08 -6.29 -30.80
N ASP B 93 25.85 -6.56 -30.37
CA ASP B 93 25.47 -7.88 -29.88
C ASP B 93 24.63 -8.59 -30.92
N ALA B 94 25.09 -9.75 -31.39
CA ALA B 94 24.45 -10.41 -32.51
C ALA B 94 23.03 -10.84 -32.22
N ALA B 95 22.79 -11.35 -31.01
CA ALA B 95 21.46 -11.85 -30.66
C ALA B 95 20.45 -10.71 -30.65
N PHE B 96 20.82 -9.58 -30.08
CA PHE B 96 19.87 -8.49 -29.99
C PHE B 96 19.69 -7.81 -31.34
N THR B 97 20.77 -7.72 -32.10
CA THR B 97 20.70 -7.16 -33.44
C THR B 97 19.72 -7.94 -34.31
N ALA B 98 19.71 -9.27 -34.17
CA ALA B 98 18.77 -10.10 -34.90
C ALA B 98 17.33 -9.75 -34.53
N ILE B 99 17.07 -9.50 -33.25
CA ILE B 99 15.73 -9.11 -32.84
C ILE B 99 15.32 -7.82 -33.56
N LEU B 100 16.16 -6.79 -33.51
CA LEU B 100 15.75 -5.47 -33.99
C LEU B 100 15.79 -5.40 -35.51
N ASP B 101 16.44 -6.37 -36.14
CA ASP B 101 16.44 -6.42 -37.60
C ASP B 101 15.12 -6.91 -38.17
N THR B 102 14.28 -7.50 -37.34
CA THR B 102 12.96 -7.98 -37.79
C THR B 102 11.81 -7.27 -37.07
N LEU B 103 12.00 -7.01 -35.78
CA LEU B 103 10.96 -6.41 -34.95
C LEU B 103 11.29 -4.98 -34.57
N ASP B 104 10.27 -4.15 -34.42
CA ASP B 104 10.41 -2.86 -33.75
C ASP B 104 10.20 -3.05 -32.24
N ILE B 105 10.77 -2.15 -31.44
CA ILE B 105 10.47 -2.15 -30.01
C ILE B 105 9.91 -0.79 -29.65
N PHE B 106 8.76 -0.78 -28.95
CA PHE B 106 8.19 0.43 -28.39
C PHE B 106 8.38 0.39 -26.89
N LEU B 107 8.89 1.47 -26.33
CA LEU B 107 9.16 1.51 -24.91
C LEU B 107 8.54 2.77 -24.31
N GLU B 108 7.56 2.57 -23.43
CA GLU B 108 6.94 3.69 -22.74
C GLU B 108 7.46 3.70 -21.31
N ILE B 109 8.34 4.64 -21.03
CA ILE B 109 9.08 4.62 -19.76
C ILE B 109 8.23 5.18 -18.62
N VAL B 110 7.51 6.26 -18.89
CA VAL B 110 6.65 6.85 -17.87
C VAL B 110 5.20 6.77 -18.33
N THR B 111 4.52 5.69 -17.97
CA THR B 111 3.20 5.43 -18.50
C THR B 111 2.14 6.27 -17.74
N ASN B 112 2.51 6.75 -16.56
CA ASN B 112 1.61 7.56 -15.74
C ASN B 112 2.37 8.80 -15.26
N PRO B 113 2.59 9.77 -16.15
CA PRO B 113 3.38 10.96 -15.81
C PRO B 113 2.78 11.80 -14.67
N ASP B 114 1.46 11.95 -14.61
CA ASP B 114 0.86 12.77 -13.54
C ASP B 114 1.10 12.14 -12.16
N GLY B 115 0.92 10.83 -12.07
CA GLY B 115 1.18 10.13 -10.82
C GLY B 115 2.66 10.24 -10.49
N PHE B 116 3.52 10.06 -11.49
CA PHE B 116 4.96 10.07 -11.24
C PHE B 116 5.39 11.44 -10.72
N ALA B 117 4.87 12.50 -11.33
CA ALA B 117 5.15 13.85 -10.83
C ALA B 117 4.69 13.99 -9.39
N PHE B 118 3.54 13.41 -9.09
CA PHE B 118 2.98 13.51 -7.76
C PHE B 118 3.83 12.76 -6.74
N THR B 119 4.47 11.66 -7.15
CA THR B 119 5.33 10.94 -6.19
C THR B 119 6.59 11.71 -5.83
N HIS B 120 6.96 12.65 -6.68
CA HIS B 120 8.11 13.50 -6.40
C HIS B 120 7.74 14.74 -5.62
N SER B 121 6.53 15.27 -5.84
CA SER B 121 6.19 16.57 -5.27
C SER B 121 5.46 16.45 -3.94
N THR B 122 4.72 15.37 -3.77
CA THR B 122 3.69 15.37 -2.73
C THR B 122 3.55 14.06 -1.95
N ASN B 123 3.49 12.94 -2.65
CA ASN B 123 3.21 11.67 -1.99
C ASN B 123 3.97 10.55 -2.72
N ARG B 124 5.08 10.14 -2.13
CA ARG B 124 5.96 9.11 -2.68
C ARG B 124 5.22 7.81 -3.01
N MET B 125 4.12 7.57 -2.31
CA MET B 125 3.39 6.30 -2.46
C MET B 125 2.15 6.41 -3.38
N TRP B 126 2.03 7.49 -4.13
CA TRP B 126 0.93 7.61 -5.09
C TRP B 126 0.99 6.53 -6.17
N ARG B 127 -0.16 5.91 -6.42
CA ARG B 127 -0.32 4.77 -7.32
C ARG B 127 -1.11 5.09 -8.60
N LYS B 128 -2.20 5.81 -8.41
CA LYS B 128 -3.22 5.97 -9.44
C LYS B 128 -2.92 7.11 -10.42
N THR B 129 -3.82 7.33 -11.36
CA THR B 129 -3.79 8.57 -12.12
C THR B 129 -4.17 9.75 -11.22
N ARG B 130 -4.30 10.94 -11.81
CA ARG B 130 -4.69 12.13 -11.04
C ARG B 130 -5.99 12.76 -11.56
N SER B 131 -6.85 11.94 -12.16
CA SER B 131 -8.14 12.45 -12.62
C SER B 131 -9.12 12.75 -11.48
N HIS B 132 -9.96 13.76 -11.67
CA HIS B 132 -11.08 13.95 -10.74
C HIS B 132 -12.24 13.05 -11.12
N THR B 133 -13.00 12.63 -10.12
CA THR B 133 -14.13 11.74 -10.34
C THR B 133 -15.41 12.43 -9.87
N ALA B 134 -16.40 12.55 -10.75
CA ALA B 134 -17.65 13.23 -10.39
C ALA B 134 -18.32 12.56 -9.19
N GLY B 135 -18.78 13.37 -8.24
CA GLY B 135 -19.46 12.86 -7.06
C GLY B 135 -18.51 12.38 -5.97
N SER B 136 -17.22 12.58 -6.18
CA SER B 136 -16.23 12.21 -5.18
C SER B 136 -15.17 13.30 -5.02
N LEU B 137 -14.63 13.40 -3.81
CA LEU B 137 -13.50 14.29 -3.57
C LEU B 137 -12.19 13.54 -3.73
N CYS B 138 -12.26 12.21 -3.74
CA CYS B 138 -11.06 11.40 -3.92
C CYS B 138 -10.58 11.45 -5.38
N ILE B 139 -9.26 11.41 -5.55
CA ILE B 139 -8.64 11.61 -6.84
C ILE B 139 -8.01 10.34 -7.36
N GLY B 140 -8.17 10.09 -8.65
CA GLY B 140 -7.40 9.06 -9.35
C GLY B 140 -8.12 7.74 -9.59
N VAL B 141 -7.73 7.10 -10.68
CA VAL B 141 -8.23 5.79 -11.05
C VAL B 141 -7.03 4.85 -11.13
N ASP B 142 -7.21 3.60 -10.72
CA ASP B 142 -6.15 2.62 -10.90
C ASP B 142 -6.04 2.29 -12.39
N PRO B 143 -4.94 2.71 -13.04
CA PRO B 143 -4.86 2.44 -14.47
C PRO B 143 -4.79 0.95 -14.79
N ASN B 144 -4.40 0.12 -13.82
CA ASN B 144 -4.39 -1.32 -14.04
C ASN B 144 -5.70 -2.02 -13.63
N ARG B 145 -6.78 -1.24 -13.51
CA ARG B 145 -8.13 -1.79 -13.36
C ARG B 145 -9.08 -1.18 -14.37
N ASN B 146 -8.53 -0.37 -15.28
CA ASN B 146 -9.35 0.47 -16.15
C ASN B 146 -9.52 -0.09 -17.57
N TRP B 147 -8.97 -1.28 -17.83
CA TRP B 147 -8.94 -1.82 -19.19
C TRP B 147 -10.21 -2.63 -19.50
N ASP B 148 -10.51 -2.78 -20.78
CA ASP B 148 -11.77 -3.43 -21.18
C ASP B 148 -11.64 -4.96 -21.25
N ALA B 149 -11.28 -5.57 -20.13
CA ALA B 149 -11.22 -7.02 -20.01
C ALA B 149 -11.69 -7.40 -18.62
N GLY B 150 -12.91 -7.89 -18.54
CA GLY B 150 -13.53 -8.16 -17.26
C GLY B 150 -13.68 -6.89 -16.47
N PHE B 151 -13.81 -5.76 -17.15
CA PHE B 151 -13.90 -4.46 -16.47
C PHE B 151 -15.04 -4.41 -15.45
N GLY B 152 -14.74 -3.94 -14.24
CA GLY B 152 -15.76 -3.76 -13.22
C GLY B 152 -16.21 -5.02 -12.49
N LEU B 153 -15.60 -6.15 -12.82
CA LEU B 153 -15.95 -7.40 -12.17
C LEU B 153 -15.09 -7.61 -10.92
N SER B 154 -15.33 -8.69 -10.19
CA SER B 154 -14.52 -9.00 -9.00
C SER B 154 -13.03 -8.87 -9.27
N GLY B 155 -12.33 -8.17 -8.38
CA GLY B 155 -10.90 -7.93 -8.55
C GLY B 155 -10.59 -6.47 -8.79
N ALA B 156 -11.55 -5.61 -8.47
CA ALA B 156 -11.36 -4.16 -8.53
C ALA B 156 -12.37 -3.51 -7.59
N SER B 157 -12.19 -2.22 -7.30
CA SER B 157 -13.12 -1.53 -6.41
C SER B 157 -13.96 -0.48 -7.12
N SER B 158 -15.21 -0.32 -6.68
CA SER B 158 -16.03 0.76 -7.20
C SER B 158 -16.00 2.00 -6.30
N ASN B 159 -15.21 1.94 -5.23
CA ASN B 159 -15.01 3.08 -4.32
C ASN B 159 -13.91 3.99 -4.87
N PRO B 160 -14.26 5.25 -5.23
CA PRO B 160 -13.28 6.15 -5.83
C PRO B 160 -12.05 6.40 -4.94
N CYS B 161 -12.20 6.23 -3.63
CA CYS B 161 -11.08 6.44 -2.71
C CYS B 161 -10.14 5.24 -2.59
N SER B 162 -10.50 4.10 -3.16
N SER B 162 -10.51 4.12 -3.20
CA SER B 162 -9.66 2.92 -3.02
CA SER B 162 -9.72 2.90 -3.14
C SER B 162 -8.51 2.93 -4.02
C SER B 162 -8.50 2.94 -4.06
N GLU B 163 -7.43 2.26 -3.64
CA GLU B 163 -6.25 2.08 -4.49
C GLU B 163 -6.55 1.37 -5.80
N THR B 164 -7.63 0.58 -5.82
CA THR B 164 -7.95 -0.21 -7.00
C THR B 164 -9.27 0.20 -7.65
N TYR B 165 -9.65 1.46 -7.44
CA TYR B 165 -10.82 2.02 -8.12
C TYR B 165 -10.72 1.87 -9.64
N HIS B 166 -11.76 1.27 -10.23
CA HIS B 166 -11.68 0.97 -11.66
C HIS B 166 -12.09 2.13 -12.58
N GLY B 167 -12.64 3.21 -12.03
CA GLY B 167 -13.06 4.33 -12.86
C GLY B 167 -14.51 4.16 -13.29
N LYS B 168 -15.05 5.20 -13.91
CA LYS B 168 -16.47 5.21 -14.28
C LYS B 168 -16.80 4.25 -15.43
N PHE B 169 -15.86 4.05 -16.34
CA PHE B 169 -16.04 3.12 -17.44
C PHE B 169 -14.68 2.71 -18.00
N ALA B 170 -14.65 1.62 -18.77
CA ALA B 170 -13.37 1.16 -19.31
C ALA B 170 -12.75 2.20 -20.25
N ASN B 171 -11.45 2.41 -20.08
CA ASN B 171 -10.67 3.39 -20.84
C ASN B 171 -11.05 4.83 -20.52
N SER B 172 -11.67 5.05 -19.36
CA SER B 172 -11.94 6.42 -18.95
C SER B 172 -10.66 7.23 -18.75
N GLU B 173 -9.56 6.55 -18.42
CA GLU B 173 -8.31 7.24 -18.17
C GLU B 173 -7.56 7.44 -19.46
N VAL B 174 -7.24 8.70 -19.77
CA VAL B 174 -6.60 9.00 -21.04
C VAL B 174 -5.25 8.30 -21.17
N GLU B 175 -4.59 8.01 -20.05
CA GLU B 175 -3.29 7.33 -20.09
C GLU B 175 -3.46 5.91 -20.61
N VAL B 176 -4.62 5.32 -20.35
CA VAL B 176 -4.94 3.98 -20.81
C VAL B 176 -5.47 4.04 -22.24
N LYS B 177 -6.41 4.94 -22.48
CA LYS B 177 -7.01 5.05 -23.81
C LYS B 177 -5.95 5.35 -24.87
N SER B 178 -4.93 6.13 -24.50
CA SER B 178 -3.86 6.47 -25.44
C SER B 178 -3.11 5.21 -25.90
N ILE B 179 -2.86 4.30 -24.96
CA ILE B 179 -2.19 3.04 -25.32
C ILE B 179 -3.11 2.16 -26.16
N VAL B 180 -4.37 2.06 -25.76
CA VAL B 180 -5.34 1.27 -26.51
C VAL B 180 -5.40 1.74 -27.96
N ASP B 181 -5.53 3.04 -28.14
CA ASP B 181 -5.62 3.63 -29.47
C ASP B 181 -4.35 3.34 -30.29
N PHE B 182 -3.20 3.42 -29.63
CA PHE B 182 -1.95 3.14 -30.33
C PHE B 182 -1.86 1.69 -30.76
N VAL B 183 -2.20 0.80 -29.83
CA VAL B 183 -2.10 -0.63 -30.09
C VAL B 183 -3.03 -1.05 -31.23
N LYS B 184 -4.26 -0.55 -31.19
CA LYS B 184 -5.23 -0.89 -32.22
C LYS B 184 -4.89 -0.30 -33.58
N ASP B 185 -4.38 0.93 -33.60
CA ASP B 185 -3.98 1.57 -34.86
C ASP B 185 -2.77 0.87 -35.45
N HIS B 186 -1.85 0.47 -34.59
CA HIS B 186 -0.64 -0.21 -35.06
C HIS B 186 -1.04 -1.54 -35.72
N GLY B 187 -1.74 -2.37 -34.96
CA GLY B 187 -2.29 -3.60 -35.46
C GLY B 187 -1.34 -4.78 -35.59
N ASN B 188 -0.06 -4.59 -35.26
CA ASN B 188 0.91 -5.67 -35.45
C ASN B 188 1.84 -5.82 -34.26
N ILE B 189 1.29 -5.59 -33.06
N ILE B 189 1.30 -5.60 -33.06
CA ILE B 189 1.99 -5.84 -31.82
CA ILE B 189 2.08 -5.82 -31.85
C ILE B 189 2.01 -7.34 -31.54
C ILE B 189 2.03 -7.29 -31.48
N LYS B 190 3.19 -7.92 -31.38
CA LYS B 190 3.31 -9.37 -31.17
C LYS B 190 3.53 -9.77 -29.72
N ALA B 191 4.13 -8.86 -28.94
CA ALA B 191 4.38 -9.09 -27.52
C ALA B 191 4.12 -7.79 -26.80
N PHE B 192 3.56 -7.88 -25.61
CA PHE B 192 3.24 -6.72 -24.81
C PHE B 192 3.67 -7.05 -23.40
N ILE B 193 4.62 -6.27 -22.87
CA ILE B 193 5.19 -6.57 -21.56
C ILE B 193 5.03 -5.37 -20.65
N SER B 194 4.28 -5.55 -19.56
CA SER B 194 4.03 -4.49 -18.60
C SER B 194 4.89 -4.68 -17.36
N ILE B 195 5.70 -3.68 -17.02
CA ILE B 195 6.65 -3.87 -15.94
C ILE B 195 6.24 -3.10 -14.68
N HIS B 196 6.13 -3.84 -13.59
CA HIS B 196 5.69 -3.35 -12.30
C HIS B 196 6.72 -3.72 -11.24
N SER B 197 6.53 -3.23 -10.03
CA SER B 197 7.24 -3.77 -8.86
C SER B 197 6.28 -3.66 -7.69
N TYR B 198 6.44 -4.42 -6.60
CA TYR B 198 7.46 -5.43 -6.38
C TYR B 198 6.79 -6.78 -6.17
N SER B 199 7.61 -7.85 -6.18
N SER B 199 7.58 -7.86 -6.20
CA SER B 199 7.35 -9.17 -5.56
CA SER B 199 7.18 -9.21 -5.72
C SER B 199 8.03 -10.30 -6.33
C SER B 199 8.08 -10.29 -6.30
N GLN B 200 8.79 -9.97 -7.37
CA GLN B 200 9.61 -10.96 -8.11
C GLN B 200 8.74 -12.06 -8.71
N LEU B 201 7.89 -11.64 -9.65
CA LEU B 201 6.98 -12.53 -10.37
C LEU B 201 7.06 -12.26 -11.86
N LEU B 202 6.85 -13.29 -12.67
CA LEU B 202 6.64 -13.10 -14.09
C LEU B 202 5.30 -13.77 -14.40
N MET B 203 4.31 -13.02 -14.89
CA MET B 203 2.96 -13.57 -15.01
C MET B 203 2.36 -13.38 -16.38
N TYR B 204 1.40 -14.25 -16.70
CA TYR B 204 0.67 -14.19 -17.94
C TYR B 204 -0.83 -14.20 -17.61
N PRO B 205 -1.70 -14.06 -18.62
CA PRO B 205 -3.14 -13.97 -18.27
C PRO B 205 -3.71 -15.30 -17.79
N TYR B 206 -4.89 -15.33 -17.14
CA TYR B 206 -5.69 -14.14 -16.84
C TYR B 206 -5.57 -13.72 -15.39
N GLY B 207 -5.88 -12.45 -15.14
CA GLY B 207 -6.06 -11.99 -13.78
C GLY B 207 -7.53 -11.95 -13.37
N TYR B 208 -8.44 -11.81 -14.33
CA TYR B 208 -9.84 -11.60 -13.95
C TYR B 208 -10.64 -12.89 -13.79
N LYS B 209 -10.12 -14.00 -14.29
CA LYS B 209 -10.82 -15.27 -14.17
C LYS B 209 -9.85 -16.45 -14.09
N THR B 210 -10.35 -17.58 -13.57
CA THR B 210 -9.50 -18.73 -13.30
C THR B 210 -9.29 -19.63 -14.51
N GLU B 211 -10.15 -19.50 -15.51
CA GLU B 211 -10.01 -20.27 -16.75
C GLU B 211 -8.66 -19.98 -17.39
N PRO B 212 -7.88 -21.04 -17.71
CA PRO B 212 -6.55 -20.76 -18.28
C PRO B 212 -6.65 -20.24 -19.72
N VAL B 213 -5.65 -19.47 -20.15
CA VAL B 213 -5.62 -19.06 -21.55
C VAL B 213 -5.30 -20.30 -22.39
N PRO B 214 -5.76 -20.33 -23.65
CA PRO B 214 -5.50 -21.49 -24.50
C PRO B 214 -4.00 -21.71 -24.74
N ASP B 215 -3.23 -20.65 -24.55
CA ASP B 215 -1.79 -20.71 -24.82
C ASP B 215 -0.97 -20.93 -23.55
N GLN B 216 -1.62 -21.38 -22.48
CA GLN B 216 -0.98 -21.48 -21.17
C GLN B 216 0.28 -22.34 -21.19
N ASP B 217 0.25 -23.46 -21.91
CA ASP B 217 1.40 -24.34 -21.93
C ASP B 217 2.63 -23.63 -22.53
N GLU B 218 2.42 -22.94 -23.64
CA GLU B 218 3.53 -22.21 -24.27
C GLU B 218 4.01 -21.06 -23.40
N LEU B 219 3.07 -20.32 -22.81
CA LEU B 219 3.44 -19.16 -22.02
C LEU B 219 4.12 -19.61 -20.74
N ASP B 220 3.73 -20.75 -20.20
CA ASP B 220 4.36 -21.25 -18.97
C ASP B 220 5.78 -21.72 -19.25
N GLN B 221 6.00 -22.37 -20.38
CA GLN B 221 7.35 -22.81 -20.74
C GLN B 221 8.26 -21.60 -20.97
N LEU B 222 7.70 -20.55 -21.59
CA LEU B 222 8.48 -19.37 -21.88
C LEU B 222 8.81 -18.63 -20.58
N SER B 223 7.85 -18.62 -19.66
CA SER B 223 8.07 -18.04 -18.34
C SER B 223 9.22 -18.75 -17.63
N LYS B 224 9.22 -20.07 -17.65
CA LYS B 224 10.28 -20.85 -17.01
C LYS B 224 11.64 -20.48 -17.61
N ALA B 225 11.70 -20.37 -18.93
CA ALA B 225 12.93 -19.98 -19.60
C ALA B 225 13.38 -18.58 -19.20
N ALA B 226 12.44 -17.64 -19.16
CA ALA B 226 12.79 -16.26 -18.83
C ALA B 226 13.29 -16.10 -17.39
N VAL B 227 12.66 -16.78 -16.42
CA VAL B 227 13.12 -16.61 -15.04
C VAL B 227 14.43 -17.36 -14.81
N THR B 228 14.69 -18.40 -15.60
CA THR B 228 15.98 -19.05 -15.56
C THR B 228 17.06 -18.08 -16.00
N ALA B 229 16.79 -17.36 -17.08
CA ALA B 229 17.72 -16.38 -17.61
C ALA B 229 17.92 -15.26 -16.58
N LEU B 230 16.83 -14.84 -15.96
CA LEU B 230 16.91 -13.72 -15.02
C LEU B 230 17.80 -14.13 -13.84
N ALA B 231 17.60 -15.33 -13.33
CA ALA B 231 18.33 -15.81 -12.15
C ALA B 231 19.81 -16.06 -12.43
N SER B 232 20.17 -16.21 -13.71
CA SER B 232 21.54 -16.58 -14.03
C SER B 232 22.56 -15.53 -13.59
N LEU B 233 22.13 -14.27 -13.46
CA LEU B 233 23.08 -13.21 -13.21
C LEU B 233 23.44 -13.08 -11.73
N TYR B 234 22.41 -12.97 -10.87
CA TYR B 234 22.64 -12.79 -9.43
C TYR B 234 21.94 -13.82 -8.56
N GLY B 235 21.21 -14.74 -9.18
CA GLY B 235 20.47 -15.76 -8.44
C GLY B 235 19.11 -15.29 -7.95
N THR B 236 18.64 -14.18 -8.50
CA THR B 236 17.38 -13.63 -8.05
C THR B 236 16.26 -14.57 -8.43
N LYS B 237 15.44 -14.93 -7.45
CA LYS B 237 14.41 -15.96 -7.65
C LYS B 237 13.05 -15.35 -7.93
N PHE B 238 12.51 -15.65 -9.12
CA PHE B 238 11.18 -15.21 -9.52
C PHE B 238 10.25 -16.41 -9.56
N ASN B 239 9.00 -16.22 -9.11
CA ASN B 239 7.96 -17.21 -9.38
C ASN B 239 7.18 -16.77 -10.60
N TYR B 240 6.35 -17.66 -11.13
CA TYR B 240 5.63 -17.38 -12.36
C TYR B 240 4.31 -18.15 -12.41
N GLY B 241 3.42 -17.70 -13.29
CA GLY B 241 2.13 -18.35 -13.46
C GLY B 241 1.13 -17.33 -13.93
N SER B 242 -0.13 -17.72 -14.05
CA SER B 242 -1.16 -16.75 -14.39
C SER B 242 -1.28 -15.72 -13.26
N ILE B 243 -1.76 -14.52 -13.60
CA ILE B 243 -1.92 -13.48 -12.58
C ILE B 243 -2.78 -13.99 -11.42
N ILE B 244 -3.92 -14.61 -11.74
CA ILE B 244 -4.88 -14.96 -10.70
C ILE B 244 -4.33 -16.07 -9.79
N LYS B 245 -3.47 -16.94 -10.31
CA LYS B 245 -2.84 -17.98 -9.49
C LYS B 245 -1.58 -17.50 -8.74
N ALA B 246 -0.82 -16.59 -9.35
CA ALA B 246 0.49 -16.22 -8.82
C ALA B 246 0.42 -15.04 -7.85
N ILE B 247 -0.61 -14.22 -7.96
CA ILE B 247 -0.73 -13.12 -7.00
C ILE B 247 -2.16 -12.96 -6.45
N TYR B 248 -3.12 -12.62 -7.31
CA TYR B 248 -4.53 -12.54 -6.92
C TYR B 248 -5.38 -12.14 -8.11
N GLN B 249 -6.69 -12.20 -7.94
CA GLN B 249 -7.62 -11.79 -8.97
C GLN B 249 -7.59 -10.27 -9.17
N ALA B 250 -7.46 -9.84 -10.42
CA ALA B 250 -7.46 -8.43 -10.74
C ALA B 250 -8.20 -8.25 -12.05
N SER B 251 -9.28 -7.46 -12.01
CA SER B 251 -10.11 -7.25 -13.20
C SER B 251 -9.77 -5.94 -13.90
N GLY B 252 -9.99 -5.91 -15.22
CA GLY B 252 -9.69 -4.73 -16.01
C GLY B 252 -8.20 -4.42 -16.10
N SER B 253 -7.38 -5.46 -16.03
CA SER B 253 -5.94 -5.23 -16.00
C SER B 253 -5.34 -5.36 -17.41
N THR B 254 -4.11 -4.87 -17.55
CA THR B 254 -3.55 -4.58 -18.85
C THR B 254 -3.43 -5.79 -19.77
N ILE B 255 -2.78 -6.86 -19.29
CA ILE B 255 -2.44 -7.92 -20.23
C ILE B 255 -3.61 -8.84 -20.51
N ASP B 256 -4.65 -8.81 -19.67
CA ASP B 256 -5.86 -9.53 -20.03
C ASP B 256 -6.46 -8.89 -21.28
N TRP B 257 -6.37 -7.57 -21.39
CA TRP B 257 -6.90 -6.88 -22.56
C TRP B 257 -6.04 -7.13 -23.79
N THR B 258 -4.73 -7.00 -23.64
CA THR B 258 -3.85 -7.17 -24.80
C THR B 258 -3.95 -8.59 -25.33
N TYR B 259 -4.04 -9.57 -24.44
CA TYR B 259 -4.19 -10.96 -24.87
C TYR B 259 -5.50 -11.15 -25.62
N SER B 260 -6.56 -10.48 -25.14
CA SER B 260 -7.87 -10.55 -25.78
C SER B 260 -7.87 -9.93 -27.19
N GLN B 261 -6.90 -9.04 -27.45
CA GLN B 261 -6.72 -8.45 -28.78
C GLN B 261 -5.86 -9.32 -29.70
N GLY B 262 -5.41 -10.48 -29.21
CA GLY B 262 -4.65 -11.39 -30.04
C GLY B 262 -3.14 -11.27 -29.84
N ILE B 263 -2.72 -10.52 -28.84
CA ILE B 263 -1.30 -10.42 -28.55
C ILE B 263 -0.94 -11.60 -27.65
N LYS B 264 -0.39 -12.64 -28.26
CA LYS B 264 -0.19 -13.90 -27.55
C LYS B 264 0.80 -13.75 -26.42
N TYR B 265 1.88 -13.03 -26.67
CA TYR B 265 2.98 -12.96 -25.72
C TYR B 265 2.78 -11.73 -24.84
N SER B 266 1.76 -11.84 -23.98
CA SER B 266 1.38 -10.79 -23.06
C SER B 266 1.84 -11.16 -21.66
N PHE B 267 2.77 -10.40 -21.12
CA PHE B 267 3.39 -10.74 -19.84
C PHE B 267 3.46 -9.53 -18.94
N THR B 268 3.50 -9.77 -17.64
CA THR B 268 3.83 -8.69 -16.73
C THR B 268 4.92 -9.15 -15.77
N PHE B 269 5.87 -8.26 -15.51
CA PHE B 269 6.89 -8.51 -14.50
C PHE B 269 6.52 -7.77 -13.22
N GLU B 270 6.80 -8.39 -12.09
CA GLU B 270 6.89 -7.66 -10.83
C GLU B 270 8.35 -7.75 -10.43
N LEU B 271 9.06 -6.62 -10.42
CA LEU B 271 10.51 -6.67 -10.18
C LEU B 271 10.87 -6.78 -8.69
N ARG B 272 12.15 -6.57 -8.37
CA ARG B 272 12.60 -6.61 -6.97
C ARG B 272 11.88 -5.61 -6.08
N ASP B 273 11.79 -5.84 -4.76
CA ASP B 273 12.26 -7.05 -4.09
C ASP B 273 11.03 -7.87 -3.65
N THR B 274 11.08 -8.52 -2.49
CA THR B 274 9.92 -9.27 -2.04
C THR B 274 9.25 -8.60 -0.84
N GLY B 275 9.73 -7.42 -0.46
CA GLY B 275 9.06 -6.64 0.57
C GLY B 275 9.94 -5.92 1.57
N ARG B 276 11.22 -6.26 1.65
CA ARG B 276 12.10 -5.65 2.65
C ARG B 276 12.10 -4.14 2.42
N TYR B 277 12.28 -3.75 1.17
CA TYR B 277 12.19 -2.33 0.81
C TYR B 277 10.89 -2.01 0.07
N GLY B 278 10.32 -3.04 -0.54
CA GLY B 278 9.08 -2.86 -1.31
C GLY B 278 9.27 -1.87 -2.45
N PHE B 279 8.43 -0.83 -2.49
CA PHE B 279 8.55 0.18 -3.54
C PHE B 279 9.76 1.10 -3.35
N LEU B 280 10.31 1.09 -2.14
CA LEU B 280 11.42 1.97 -1.78
C LEU B 280 12.78 1.31 -2.01
N LEU B 281 12.90 0.58 -3.13
CA LEU B 281 14.14 -0.11 -3.44
C LEU B 281 15.30 0.89 -3.55
N PRO B 282 16.39 0.63 -2.82
CA PRO B 282 17.54 1.55 -2.86
C PRO B 282 18.06 1.73 -4.29
N ALA B 283 18.54 2.94 -4.58
CA ALA B 283 19.08 3.22 -5.91
C ALA B 283 20.22 2.29 -6.30
N SER B 284 20.96 1.77 -5.32
CA SER B 284 22.07 0.87 -5.60
C SER B 284 21.61 -0.47 -6.20
N GLN B 285 20.30 -0.72 -6.17
CA GLN B 285 19.75 -1.93 -6.77
C GLN B 285 19.14 -1.70 -8.15
N ILE B 286 19.13 -0.46 -8.64
CA ILE B 286 18.53 -0.16 -9.95
C ILE B 286 19.20 -0.93 -11.07
N ILE B 287 20.51 -0.79 -11.18
CA ILE B 287 21.19 -1.40 -12.31
C ILE B 287 21.16 -2.95 -12.23
N PRO B 288 21.42 -3.55 -11.04
CA PRO B 288 21.27 -5.01 -10.99
C PRO B 288 19.88 -5.49 -11.38
N THR B 289 18.85 -4.76 -10.93
CA THR B 289 17.48 -5.12 -11.29
C THR B 289 17.29 -5.04 -12.81
N ALA B 290 17.76 -3.94 -13.40
CA ALA B 290 17.60 -3.74 -14.84
C ALA B 290 18.34 -4.81 -15.65
N LYS B 291 19.56 -5.12 -15.22
CA LYS B 291 20.37 -6.11 -15.92
C LYS B 291 19.75 -7.50 -15.95
N GLU B 292 19.29 -7.98 -14.79
CA GLU B 292 18.69 -9.30 -14.74
C GLU B 292 17.36 -9.30 -15.49
N THR B 293 16.61 -8.20 -15.41
CA THR B 293 15.32 -8.13 -16.09
C THR B 293 15.52 -8.14 -17.60
N TRP B 294 16.57 -7.46 -18.05
CA TRP B 294 16.90 -7.44 -19.46
C TRP B 294 17.11 -8.86 -20.02
N LEU B 295 17.74 -9.75 -19.24
CA LEU B 295 17.97 -11.12 -19.72
C LEU B 295 16.64 -11.83 -19.94
N ALA B 296 15.68 -11.57 -19.06
CA ALA B 296 14.34 -12.15 -19.21
C ALA B 296 13.62 -11.57 -20.41
N LEU B 297 13.71 -10.25 -20.57
CA LEU B 297 13.14 -9.58 -21.75
C LEU B 297 13.71 -10.14 -23.05
N LEU B 298 15.02 -10.32 -23.10
CA LEU B 298 15.65 -10.93 -24.28
C LEU B 298 15.06 -12.30 -24.60
N THR B 299 14.79 -13.07 -23.56
CA THR B 299 14.24 -14.41 -23.75
C THR B 299 12.88 -14.35 -24.43
N ILE B 300 12.04 -13.44 -23.95
CA ILE B 300 10.71 -13.29 -24.50
C ILE B 300 10.78 -12.74 -25.93
N MET B 301 11.66 -11.76 -26.16
CA MET B 301 11.74 -11.16 -27.49
C MET B 301 12.30 -12.16 -28.49
N GLU B 302 13.26 -12.97 -28.06
CA GLU B 302 13.83 -14.00 -28.91
C GLU B 302 12.77 -15.03 -29.29
N HIS B 303 11.95 -15.40 -28.31
CA HIS B 303 10.88 -16.35 -28.57
C HIS B 303 9.87 -15.77 -29.55
N THR B 304 9.57 -14.49 -29.38
CA THR B 304 8.66 -13.79 -30.28
C THR B 304 9.22 -13.75 -31.71
N LEU B 305 10.50 -13.42 -31.81
CA LEU B 305 11.18 -13.40 -33.09
C LEU B 305 11.09 -14.75 -33.82
N ASN B 306 11.30 -15.83 -33.07
CA ASN B 306 11.39 -17.16 -33.66
C ASN B 306 10.04 -17.85 -33.85
N HIS B 307 8.96 -17.22 -33.41
CA HIS B 307 7.62 -17.79 -33.62
C HIS B 307 6.67 -16.79 -34.26
N PRO B 308 6.92 -16.43 -35.54
CA PRO B 308 6.16 -15.39 -36.25
C PRO B 308 4.67 -15.72 -36.37
#